data_8DJT
#
_entry.id   8DJT
#
_cell.length_a   38.296
_cell.length_b   75.097
_cell.length_c   82.997
_cell.angle_alpha   90.000
_cell.angle_beta   90.000
_cell.angle_gamma   90.000
#
_symmetry.space_group_name_H-M   'P 21 21 21'
#
loop_
_entity.id
_entity.type
_entity.pdbx_description
1 polymer 'L-ascorbate peroxidase'
2 non-polymer 'PROTOPORPHYRIN IX CONTAINING FE'
3 non-polymer 'ASCORBIC ACID'
4 non-polymer GLYCEROL
5 non-polymer 'SODIUM ION'
6 water water
#
_entity_poly.entity_id   1
_entity_poly.type   'polypeptide(L)'
_entity_poly.pdbx_seq_one_letter_code
;MAKSYPTVSAEYSEAVEKARQKLRALIAEKSCAPLMLRLAWHSAGTFDVSSRTGGPFGTMKNPAELAHGANAGLDIAVRL
LEPIKEEFPILSYADFYQLAGVVAVEVTGGPQIPFHPGREDKPQPPPEGRLPDATKGSDHLRQVFGKQMGLSDQDIVALS
GGHTLGRCHKERSGFEGAWTSNPLVFDNSYFKELLSGDKEGLLQLPSDKALLSDPAFRPLVDKYAADEKAFFEDYKEAHL
KLSELGFADA
;
_entity_poly.pdbx_strand_id   A
#
loop_
_chem_comp.id
_chem_comp.type
_chem_comp.name
_chem_comp.formula
ASC L-saccharide 'ASCORBIC ACID' 'C6 H8 O6'
GOL non-polymer GLYCEROL 'C3 H8 O3'
HEM non-polymer 'PROTOPORPHYRIN IX CONTAINING FE' 'C34 H32 Fe N4 O4'
NA non-polymer 'SODIUM ION' 'Na 1'
#
# COMPACT_ATOMS: atom_id res chain seq x y z
N MET A 1 19.15 -5.68 -9.40
CA MET A 1 19.42 -6.89 -10.23
C MET A 1 18.58 -8.05 -9.72
N ALA A 2 17.87 -7.83 -8.61
CA ALA A 2 16.93 -8.84 -8.13
C ALA A 2 15.72 -8.99 -9.04
N LYS A 3 15.50 -8.04 -9.96
CA LYS A 3 14.32 -8.04 -10.82
C LYS A 3 14.74 -8.15 -12.28
N SER A 4 13.90 -8.82 -13.06
CA SER A 4 14.06 -8.94 -14.50
C SER A 4 12.67 -8.72 -15.09
N TYR A 5 12.41 -7.52 -15.57
CA TYR A 5 11.04 -7.15 -15.91
C TYR A 5 10.66 -7.67 -17.29
N PRO A 6 9.42 -8.10 -17.47
CA PRO A 6 9.01 -8.67 -18.76
C PRO A 6 8.81 -7.61 -19.83
N THR A 7 8.96 -8.04 -21.07
CA THR A 7 8.64 -7.18 -22.20
C THR A 7 7.13 -7.20 -22.43
N VAL A 8 6.54 -6.00 -22.56
CA VAL A 8 5.15 -5.87 -22.95
C VAL A 8 5.07 -5.07 -24.24
N SER A 9 3.97 -5.24 -24.95
CA SER A 9 3.80 -4.59 -26.23
C SER A 9 3.69 -3.08 -26.08
N ALA A 10 3.89 -2.38 -27.20
CA ALA A 10 3.70 -0.93 -27.21
C ALA A 10 2.27 -0.57 -26.83
N GLU A 11 1.30 -1.34 -27.27
CA GLU A 11 -0.09 -1.09 -26.91
C GLU A 11 -0.33 -1.23 -25.41
N TYR A 12 0.31 -2.22 -24.78
CA TYR A 12 0.19 -2.38 -23.33
C TYR A 12 0.75 -1.14 -22.63
N SER A 13 1.93 -0.70 -23.02
CA SER A 13 2.54 0.48 -22.39
C SER A 13 1.70 1.72 -22.63
N GLU A 14 1.11 1.87 -23.80
CA GLU A 14 0.24 3.02 -24.06
C GLU A 14 -0.97 2.98 -23.14
N ALA A 15 -1.54 1.80 -22.93
CA ALA A 15 -2.69 1.67 -22.02
C ALA A 15 -2.30 2.01 -20.59
N VAL A 16 -1.09 1.62 -20.15
CA VAL A 16 -0.65 2.01 -18.82
C VAL A 16 -0.65 3.52 -18.69
N GLU A 17 -0.09 4.21 -19.68
CA GLU A 17 0.02 5.67 -19.55
C GLU A 17 -1.35 6.34 -19.62
N LYS A 18 -2.24 5.86 -20.48
CA LYS A 18 -3.57 6.45 -20.56
C LYS A 18 -4.37 6.16 -19.30
N ALA A 19 -4.25 4.95 -18.77
CA ALA A 19 -4.91 4.62 -17.51
C ALA A 19 -4.36 5.46 -16.36
N ARG A 20 -3.04 5.67 -16.34
CA ARG A 20 -2.45 6.50 -15.29
C ARG A 20 -3.07 7.89 -15.29
N GLN A 21 -3.25 8.47 -16.48
CA GLN A 21 -3.85 9.79 -16.56
C GLN A 21 -5.29 9.78 -16.08
N LYS A 22 -6.07 8.78 -16.47
CA LYS A 22 -7.45 8.69 -15.97
C LYS A 22 -7.49 8.48 -14.46
N LEU A 23 -6.60 7.65 -13.93
CA LEU A 23 -6.53 7.43 -12.48
C LEU A 23 -6.17 8.70 -11.73
N ARG A 24 -5.20 9.45 -12.24
CA ARG A 24 -4.79 10.69 -11.59
C ARG A 24 -5.98 11.63 -11.47
N ALA A 25 -6.74 11.76 -12.54
CA ALA A 25 -7.90 12.64 -12.52
C ALA A 25 -8.96 12.13 -11.55
N LEU A 26 -9.34 10.86 -11.64
CA LEU A 26 -10.40 10.34 -10.80
C LEU A 26 -10.02 10.38 -9.33
N ILE A 27 -8.79 9.96 -9.01
CA ILE A 27 -8.40 9.90 -7.61
C ILE A 27 -8.36 11.30 -7.00
N ALA A 28 -7.85 12.28 -7.74
CA ALA A 28 -7.89 13.65 -7.26
C ALA A 28 -9.31 14.16 -7.16
N GLU A 29 -10.12 13.91 -8.18
CA GLU A 29 -11.46 14.51 -8.23
C GLU A 29 -12.36 13.91 -7.16
N LYS A 30 -12.18 12.64 -6.81
CA LYS A 30 -13.04 11.97 -5.85
C LYS A 30 -12.44 11.90 -4.45
N SER A 31 -11.24 12.47 -4.26
CA SER A 31 -10.59 12.52 -2.94
C SER A 31 -10.42 11.14 -2.31
N CYS A 32 -10.12 10.13 -3.13
CA CYS A 32 -10.10 8.75 -2.65
C CYS A 32 -8.71 8.15 -2.63
N ALA A 33 -7.66 8.98 -2.66
CA ALA A 33 -6.31 8.46 -2.61
C ALA A 33 -6.06 7.52 -1.44
N PRO A 34 -6.50 7.80 -0.22
CA PRO A 34 -6.16 6.87 0.87
C PRO A 34 -6.72 5.48 0.64
N LEU A 35 -7.98 5.38 0.24
CA LEU A 35 -8.60 4.10 -0.03
C LEU A 35 -7.85 3.35 -1.14
N MET A 36 -7.39 4.08 -2.16
CA MET A 36 -6.68 3.44 -3.26
C MET A 36 -5.30 2.95 -2.85
N LEU A 37 -4.60 3.70 -1.98
CA LEU A 37 -3.34 3.19 -1.42
C LEU A 37 -3.59 1.92 -0.62
N ARG A 38 -4.63 1.92 0.21
CA ARG A 38 -4.98 0.73 0.98
C ARG A 38 -5.32 -0.45 0.05
N LEU A 39 -6.03 -0.18 -1.06
CA LEU A 39 -6.32 -1.23 -2.04
C LEU A 39 -5.05 -1.87 -2.56
N ALA A 40 -4.08 -1.05 -2.97
CA ALA A 40 -2.83 -1.56 -3.51
C ALA A 40 -2.04 -2.33 -2.46
N TRP A 41 -2.02 -1.82 -1.24
CA TRP A 41 -1.31 -2.47 -0.14
C TRP A 41 -1.92 -3.81 0.22
N HIS A 42 -3.24 -3.89 0.36
CA HIS A 42 -3.84 -5.18 0.69
C HIS A 42 -3.74 -6.17 -0.46
N SER A 43 -3.66 -5.67 -1.69
CA SER A 43 -3.44 -6.53 -2.84
C SER A 43 -2.06 -7.15 -2.79
N ALA A 44 -1.04 -6.39 -2.42
CA ALA A 44 0.35 -6.85 -2.48
C ALA A 44 0.82 -7.55 -1.21
N GLY A 45 0.32 -7.14 -0.07
CA GLY A 45 0.88 -7.50 1.22
C GLY A 45 0.58 -8.91 1.67
N THR A 46 -0.17 -9.67 0.88
CA THR A 46 -0.48 -11.06 1.18
C THR A 46 0.58 -12.02 0.64
N PHE A 47 1.63 -11.52 0.01
CA PHE A 47 2.63 -12.43 -0.55
C PHE A 47 3.37 -13.16 0.56
N ASP A 48 3.57 -14.46 0.36
CA ASP A 48 4.40 -15.29 1.22
C ASP A 48 5.48 -15.93 0.38
N VAL A 49 6.73 -15.54 0.64
CA VAL A 49 7.84 -16.00 -0.18
C VAL A 49 8.05 -17.50 -0.08
N SER A 50 7.65 -18.13 1.03
CA SER A 50 7.90 -19.56 1.21
C SER A 50 7.05 -20.41 0.26
N SER A 51 5.85 -19.98 -0.08
CA SER A 51 4.99 -20.69 -1.00
C SER A 51 4.78 -19.95 -2.31
N ARG A 52 5.24 -18.70 -2.41
CA ARG A 52 5.01 -17.84 -3.57
C ARG A 52 3.53 -17.74 -3.90
N THR A 53 2.69 -17.71 -2.87
CA THR A 53 1.27 -17.46 -3.02
C THR A 53 0.95 -16.04 -2.53
N GLY A 54 -0.19 -15.53 -2.99
CA GLY A 54 -0.57 -14.15 -2.70
C GLY A 54 0.26 -13.14 -3.49
N GLY A 55 0.15 -11.89 -3.07
CA GLY A 55 0.86 -10.82 -3.74
C GLY A 55 0.01 -10.15 -4.80
N PRO A 56 0.62 -9.17 -5.51
CA PRO A 56 -0.10 -8.22 -6.38
C PRO A 56 -0.47 -8.81 -7.73
N PHE A 57 -1.43 -9.73 -7.71
CA PHE A 57 -1.79 -10.52 -8.88
C PHE A 57 -3.27 -10.42 -9.19
N GLY A 58 -3.86 -9.30 -8.83
CA GLY A 58 -5.19 -8.94 -9.28
C GLY A 58 -6.32 -9.57 -8.50
N THR A 59 -6.00 -10.35 -7.46
CA THR A 59 -7.02 -11.16 -6.79
C THR A 59 -7.96 -10.35 -5.93
N MET A 60 -7.68 -9.06 -5.70
CA MET A 60 -8.65 -8.24 -4.98
C MET A 60 -9.94 -8.06 -5.77
N LYS A 61 -9.93 -8.32 -7.08
CA LYS A 61 -11.16 -8.33 -7.84
C LYS A 61 -12.02 -9.57 -7.49
N ASN A 62 -11.43 -10.59 -6.91
CA ASN A 62 -12.15 -11.83 -6.60
C ASN A 62 -13.03 -11.63 -5.38
N PRO A 63 -14.33 -11.95 -5.47
CA PRO A 63 -15.22 -11.71 -4.31
C PRO A 63 -14.80 -12.44 -3.06
N ALA A 64 -14.14 -13.58 -3.20
CA ALA A 64 -13.73 -14.30 -2.00
C ALA A 64 -12.68 -13.53 -1.22
N GLU A 65 -11.77 -12.82 -1.92
CA GLU A 65 -10.79 -11.99 -1.22
C GLU A 65 -11.41 -10.72 -0.69
N LEU A 66 -12.34 -10.11 -1.44
CA LEU A 66 -13.02 -8.92 -0.92
C LEU A 66 -13.77 -9.22 0.36
N ALA A 67 -14.19 -10.46 0.57
CA ALA A 67 -14.92 -10.86 1.76
C ALA A 67 -14.03 -11.11 2.96
N HIS A 68 -12.71 -11.13 2.81
CA HIS A 68 -11.85 -11.24 3.98
C HIS A 68 -12.14 -10.06 4.90
N GLY A 69 -12.18 -10.32 6.21
CA GLY A 69 -12.46 -9.24 7.15
C GLY A 69 -11.54 -8.04 6.98
N ALA A 70 -10.26 -8.31 6.71
CA ALA A 70 -9.28 -7.24 6.59
C ALA A 70 -9.56 -6.34 5.40
N ASN A 71 -10.34 -6.80 4.43
CA ASN A 71 -10.59 -6.08 3.19
C ASN A 71 -11.92 -5.35 3.18
N ALA A 72 -12.57 -5.21 4.33
CA ALA A 72 -13.84 -4.51 4.40
C ALA A 72 -13.69 -3.09 3.85
N GLY A 73 -14.60 -2.72 2.96
CA GLY A 73 -14.57 -1.44 2.31
C GLY A 73 -13.79 -1.38 1.01
N LEU A 74 -12.92 -2.35 0.75
CA LEU A 74 -12.19 -2.33 -0.52
C LEU A 74 -13.07 -2.65 -1.70
N ASP A 75 -14.24 -3.25 -1.48
CA ASP A 75 -15.22 -3.39 -2.55
C ASP A 75 -15.63 -2.04 -3.13
N ILE A 76 -15.65 -1.00 -2.30
CA ILE A 76 -15.92 0.35 -2.79
C ILE A 76 -14.84 0.77 -3.77
N ALA A 77 -13.58 0.54 -3.40
CA ALA A 77 -12.47 0.92 -4.26
C ALA A 77 -12.51 0.20 -5.60
N VAL A 78 -12.76 -1.11 -5.57
CA VAL A 78 -12.87 -1.89 -6.79
C VAL A 78 -13.97 -1.31 -7.69
N ARG A 79 -15.13 -1.02 -7.10
CA ARG A 79 -16.23 -0.50 -7.90
C ARG A 79 -15.93 0.90 -8.41
N LEU A 80 -15.30 1.75 -7.63
CA LEU A 80 -14.99 3.10 -8.10
C LEU A 80 -14.06 3.07 -9.31
N LEU A 81 -13.17 2.10 -9.37
CA LEU A 81 -12.18 2.04 -10.44
C LEU A 81 -12.68 1.29 -11.65
N GLU A 82 -13.74 0.52 -11.52
CA GLU A 82 -14.15 -0.33 -12.64
C GLU A 82 -14.50 0.45 -13.89
N PRO A 83 -15.12 1.63 -13.84
CA PRO A 83 -15.36 2.37 -15.09
C PRO A 83 -14.08 2.68 -15.86
N ILE A 84 -12.99 2.98 -15.18
CA ILE A 84 -11.72 3.18 -15.88
C ILE A 84 -11.21 1.86 -16.42
N LYS A 85 -11.26 0.80 -15.60
CA LYS A 85 -10.76 -0.48 -16.06
C LYS A 85 -11.46 -0.93 -17.33
N GLU A 86 -12.77 -0.66 -17.43
CA GLU A 86 -13.51 -1.06 -18.62
C GLU A 86 -12.96 -0.41 -19.88
N GLU A 87 -12.30 0.72 -19.76
CA GLU A 87 -11.70 1.37 -20.91
C GLU A 87 -10.35 0.78 -21.30
N PHE A 88 -9.78 -0.09 -20.46
CA PHE A 88 -8.46 -0.65 -20.67
C PHE A 88 -8.48 -2.16 -20.48
N PRO A 89 -9.19 -2.87 -21.36
CA PRO A 89 -9.26 -4.33 -21.24
C PRO A 89 -7.91 -5.03 -21.36
N ILE A 90 -6.92 -4.42 -22.00
CA ILE A 90 -5.64 -5.10 -22.15
C ILE A 90 -4.90 -5.22 -20.82
N LEU A 91 -5.14 -4.30 -19.88
CA LEU A 91 -4.37 -4.31 -18.65
C LEU A 91 -4.83 -5.42 -17.73
N SER A 92 -3.88 -6.04 -17.03
CA SER A 92 -4.28 -6.91 -15.92
C SER A 92 -4.83 -6.07 -14.77
N TYR A 93 -5.78 -6.67 -14.03
CA TYR A 93 -6.18 -6.06 -12.76
C TYR A 93 -4.98 -5.92 -11.83
N ALA A 94 -4.06 -6.86 -11.90
CA ALA A 94 -2.89 -6.84 -11.04
C ALA A 94 -2.10 -5.55 -11.24
N ASP A 95 -1.79 -5.24 -12.51
CA ASP A 95 -1.09 -4.01 -12.82
C ASP A 95 -1.95 -2.80 -12.49
N PHE A 96 -3.22 -2.85 -12.84
CA PHE A 96 -4.10 -1.69 -12.67
C PHE A 96 -4.19 -1.26 -11.21
N TYR A 97 -4.36 -2.21 -10.28
CA TYR A 97 -4.49 -1.82 -8.89
C TYR A 97 -3.15 -1.34 -8.31
N GLN A 98 -2.03 -1.90 -8.74
CA GLN A 98 -0.75 -1.34 -8.31
C GLN A 98 -0.52 0.05 -8.89
N LEU A 99 -0.94 0.27 -10.13
CA LEU A 99 -0.84 1.61 -10.71
C LEU A 99 -1.69 2.59 -9.92
N ALA A 100 -2.88 2.18 -9.50
CA ALA A 100 -3.71 3.05 -8.68
C ALA A 100 -2.99 3.43 -7.38
N GLY A 101 -2.27 2.49 -6.76
CA GLY A 101 -1.54 2.83 -5.54
C GLY A 101 -0.42 3.84 -5.78
N VAL A 102 0.32 3.68 -6.87
CA VAL A 102 1.38 4.61 -7.24
C VAL A 102 0.80 5.99 -7.49
N VAL A 103 -0.32 6.05 -8.21
CA VAL A 103 -0.98 7.33 -8.48
C VAL A 103 -1.50 7.96 -7.19
N ALA A 104 -2.04 7.15 -6.27
CA ALA A 104 -2.56 7.72 -5.03
C ALA A 104 -1.47 8.47 -4.27
N VAL A 105 -0.27 7.90 -4.21
CA VAL A 105 0.85 8.57 -3.56
C VAL A 105 1.24 9.83 -4.32
N GLU A 106 1.26 9.77 -5.65
CA GLU A 106 1.61 10.95 -6.44
C GLU A 106 0.64 12.10 -6.22
N VAL A 107 -0.66 11.82 -6.31
CA VAL A 107 -1.63 12.93 -6.33
C VAL A 107 -1.74 13.61 -4.99
N THR A 108 -1.31 12.97 -3.91
CA THR A 108 -1.33 13.55 -2.59
C THR A 108 -0.01 14.24 -2.23
N GLY A 109 0.93 14.31 -3.15
CA GLY A 109 2.17 15.04 -2.93
C GLY A 109 3.35 14.18 -2.59
N GLY A 110 3.20 12.87 -2.66
CA GLY A 110 4.28 11.97 -2.32
C GLY A 110 5.27 11.72 -3.45
N PRO A 111 6.21 10.82 -3.21
CA PRO A 111 7.25 10.57 -4.22
C PRO A 111 6.72 9.85 -5.44
N GLN A 112 7.49 9.94 -6.52
CA GLN A 112 7.20 9.26 -7.77
C GLN A 112 7.75 7.84 -7.71
N ILE A 113 6.87 6.87 -7.57
CA ILE A 113 7.28 5.48 -7.45
C ILE A 113 7.38 4.88 -8.85
N PRO A 114 8.50 4.30 -9.25
CA PRO A 114 8.58 3.65 -10.56
C PRO A 114 7.50 2.59 -10.71
N PHE A 115 7.03 2.39 -11.94
CA PHE A 115 6.02 1.39 -12.24
C PHE A 115 6.47 0.56 -13.44
N HIS A 116 6.46 -0.76 -13.28
CA HIS A 116 6.86 -1.68 -14.32
C HIS A 116 5.68 -2.60 -14.62
N PRO A 117 5.19 -2.64 -15.85
CA PRO A 117 4.01 -3.46 -16.16
C PRO A 117 4.37 -4.93 -16.38
N GLY A 118 3.31 -5.75 -16.38
CA GLY A 118 3.41 -7.14 -16.79
C GLY A 118 2.91 -8.14 -15.78
N ARG A 119 2.35 -7.76 -14.64
CA ARG A 119 1.86 -8.76 -13.70
C ARG A 119 0.69 -9.54 -14.29
N GLU A 120 0.66 -10.84 -13.99
CA GLU A 120 -0.45 -11.70 -14.39
C GLU A 120 -1.59 -11.63 -13.37
N ASP A 121 -2.81 -11.80 -13.86
CA ASP A 121 -3.97 -12.00 -13.00
C ASP A 121 -4.05 -13.49 -12.66
N LYS A 122 -3.75 -13.84 -11.45
CA LYS A 122 -3.74 -15.23 -11.03
C LYS A 122 -5.12 -15.66 -10.57
N PRO A 123 -5.45 -16.95 -10.73
CA PRO A 123 -6.83 -17.39 -10.46
C PRO A 123 -7.18 -17.55 -8.99
N GLN A 124 -6.21 -17.88 -8.14
CA GLN A 124 -6.54 -18.19 -6.75
C GLN A 124 -6.12 -17.06 -5.81
N PRO A 125 -7.01 -16.59 -4.94
CA PRO A 125 -6.60 -15.63 -3.91
C PRO A 125 -5.72 -16.29 -2.87
N PRO A 126 -4.95 -15.53 -2.11
CA PRO A 126 -4.27 -16.09 -0.96
C PRO A 126 -5.27 -16.53 0.08
N PRO A 127 -4.86 -17.38 1.01
CA PRO A 127 -5.68 -17.63 2.20
C PRO A 127 -5.81 -16.35 3.00
N GLU A 128 -6.96 -16.20 3.66
CA GLU A 128 -7.17 -15.10 4.58
C GLU A 128 -6.18 -15.19 5.75
N GLY A 129 -5.75 -14.03 6.24
CA GLY A 129 -4.99 -13.97 7.48
C GLY A 129 -3.53 -13.60 7.34
N ARG A 130 -3.06 -13.21 6.16
CA ARG A 130 -1.65 -12.89 5.97
C ARG A 130 -1.29 -11.47 6.41
N LEU A 131 -2.24 -10.53 6.32
CA LEU A 131 -1.95 -9.13 6.57
C LEU A 131 -1.72 -8.86 8.06
N PRO A 132 -1.03 -7.77 8.39
CA PRO A 132 -0.70 -7.54 9.81
C PRO A 132 -1.91 -7.21 10.66
N ASP A 133 -1.86 -7.67 11.91
CA ASP A 133 -2.86 -7.42 12.94
C ASP A 133 -2.51 -6.13 13.67
N ALA A 134 -3.43 -5.16 13.64
CA ALA A 134 -3.18 -3.83 14.20
C ALA A 134 -2.99 -3.85 15.71
N THR A 135 -3.36 -4.96 16.37
CA THR A 135 -3.25 -5.05 17.81
C THR A 135 -1.92 -5.65 18.25
N LYS A 136 -1.12 -6.14 17.32
CA LYS A 136 0.12 -6.81 17.65
C LYS A 136 1.32 -5.87 17.50
N GLY A 137 2.49 -6.40 17.85
CA GLY A 137 3.68 -5.57 17.96
C GLY A 137 4.80 -5.93 17.01
N SER A 138 6.03 -5.66 17.44
CA SER A 138 7.14 -5.67 16.51
C SER A 138 7.50 -7.08 16.05
N ASP A 139 7.39 -8.09 16.93
CA ASP A 139 7.65 -9.45 16.50
C ASP A 139 6.71 -9.85 15.37
N HIS A 140 5.44 -9.48 15.50
CA HIS A 140 4.46 -9.78 14.46
C HIS A 140 4.74 -9.02 13.18
N LEU A 141 5.09 -7.73 13.29
CA LEU A 141 5.46 -6.98 12.09
C LEU A 141 6.61 -7.64 11.36
N ARG A 142 7.61 -8.14 12.09
CA ARG A 142 8.73 -8.80 11.43
C ARG A 142 8.33 -10.13 10.81
N GLN A 143 7.38 -10.85 11.41
CA GLN A 143 6.92 -12.09 10.78
C GLN A 143 6.20 -11.80 9.47
N VAL A 144 5.35 -10.77 9.45
CA VAL A 144 4.53 -10.49 8.28
C VAL A 144 5.35 -9.81 7.19
N PHE A 145 5.98 -8.67 7.52
CA PHE A 145 6.74 -7.97 6.50
C PHE A 145 8.05 -8.68 6.17
N GLY A 146 8.71 -9.25 7.19
CA GLY A 146 10.02 -9.85 6.98
C GLY A 146 9.93 -11.28 6.50
N LYS A 147 9.35 -12.16 7.31
CA LYS A 147 9.38 -13.58 6.96
C LYS A 147 8.43 -13.93 5.83
N GLN A 148 7.25 -13.30 5.77
CA GLN A 148 6.32 -13.57 4.67
C GLN A 148 6.70 -12.78 3.43
N MET A 149 6.76 -11.44 3.52
CA MET A 149 6.96 -10.65 2.31
C MET A 149 8.39 -10.53 1.88
N GLY A 150 9.35 -10.68 2.80
CA GLY A 150 10.76 -10.54 2.48
C GLY A 150 11.29 -9.12 2.54
N LEU A 151 10.61 -8.21 3.23
CA LEU A 151 10.97 -6.81 3.32
C LEU A 151 11.80 -6.55 4.58
N SER A 152 12.51 -5.42 4.60
CA SER A 152 13.44 -5.10 5.68
C SER A 152 12.77 -4.28 6.79
N ASP A 153 13.48 -4.11 7.90
CA ASP A 153 12.97 -3.26 8.98
C ASP A 153 12.79 -1.82 8.51
N GLN A 154 13.72 -1.32 7.69
CA GLN A 154 13.55 0.01 7.12
C GLN A 154 12.26 0.09 6.33
N ASP A 155 11.98 -0.92 5.51
CA ASP A 155 10.74 -0.96 4.74
C ASP A 155 9.51 -0.92 5.65
N ILE A 156 9.54 -1.65 6.77
CA ILE A 156 8.40 -1.66 7.68
C ILE A 156 8.10 -0.25 8.15
N VAL A 157 9.12 0.46 8.63
CA VAL A 157 8.90 1.78 9.21
C VAL A 157 8.48 2.76 8.12
N ALA A 158 9.17 2.73 6.97
CA ALA A 158 8.82 3.66 5.90
C ALA A 158 7.40 3.42 5.40
N LEU A 159 7.03 2.16 5.19
CA LEU A 159 5.69 1.87 4.68
C LEU A 159 4.61 2.24 5.70
N SER A 160 4.89 2.11 6.99
CA SER A 160 3.91 2.54 8.00
C SER A 160 3.57 4.01 7.85
N GLY A 161 4.50 4.78 7.28
CA GLY A 161 4.26 6.17 6.99
C GLY A 161 3.14 6.43 6.00
N GLY A 162 2.68 5.40 5.29
CA GLY A 162 1.50 5.54 4.46
C GLY A 162 0.27 5.96 5.23
N HIS A 163 0.27 5.80 6.56
CA HIS A 163 -0.81 6.29 7.42
C HIS A 163 -0.88 7.81 7.48
N THR A 164 0.02 8.50 6.79
CA THR A 164 -0.22 9.91 6.56
C THR A 164 -1.47 10.16 5.70
N LEU A 165 -1.94 9.15 4.98
CA LEU A 165 -3.19 9.25 4.25
C LEU A 165 -4.33 8.57 4.99
N GLY A 166 -5.48 9.23 5.02
CA GLY A 166 -6.71 8.59 5.39
C GLY A 166 -6.93 8.36 6.87
N ARG A 167 -7.75 7.35 7.13
N ARG A 167 -7.75 7.35 7.13
CA ARG A 167 -8.30 7.14 8.46
CA ARG A 167 -8.28 7.13 8.47
C ARG A 167 -8.81 5.71 8.60
C ARG A 167 -8.81 5.71 8.60
N CYS A 168 -9.13 5.36 9.85
CA CYS A 168 -9.84 4.14 10.19
C CYS A 168 -11.33 4.43 10.30
N HIS A 169 -12.14 3.45 9.91
CA HIS A 169 -13.60 3.54 9.92
C HIS A 169 -14.18 2.42 10.77
N LYS A 170 -15.14 2.75 11.64
CA LYS A 170 -15.66 1.79 12.60
C LYS A 170 -16.34 0.61 11.93
N GLU A 171 -16.92 0.83 10.75
CA GLU A 171 -17.58 -0.24 10.03
C GLU A 171 -16.65 -1.07 9.15
N ARG A 172 -15.40 -0.63 8.96
CA ARG A 172 -14.44 -1.35 8.12
C ARG A 172 -13.50 -2.13 9.01
N SER A 173 -12.52 -1.46 9.63
CA SER A 173 -11.65 -2.16 10.57
C SER A 173 -12.25 -2.25 11.97
N GLY A 174 -13.05 -1.26 12.37
CA GLY A 174 -13.53 -1.13 13.72
C GLY A 174 -12.80 -0.07 14.54
N PHE A 175 -11.60 0.33 14.12
CA PHE A 175 -10.94 1.50 14.64
C PHE A 175 -11.57 2.73 13.99
N GLU A 176 -11.38 3.90 14.61
CA GLU A 176 -12.04 5.10 14.12
C GLU A 176 -11.14 6.31 14.36
N GLY A 177 -10.73 6.96 13.29
CA GLY A 177 -9.99 8.21 13.36
C GLY A 177 -8.83 8.25 12.40
N ALA A 178 -8.36 9.47 12.11
CA ALA A 178 -7.23 9.72 11.23
C ALA A 178 -5.95 9.79 12.03
N TRP A 179 -4.83 9.41 11.40
CA TRP A 179 -3.53 9.52 12.03
C TRP A 179 -3.00 10.95 11.96
N THR A 180 -3.35 11.70 10.92
CA THR A 180 -2.81 13.02 10.71
C THR A 180 -3.93 14.03 10.54
N SER A 181 -3.57 15.30 10.71
CA SER A 181 -4.51 16.41 10.54
C SER A 181 -4.80 16.71 9.07
N ASN A 182 -4.04 16.12 8.16
CA ASN A 182 -4.15 16.37 6.72
C ASN A 182 -4.22 15.02 6.01
N PRO A 183 -5.34 14.30 6.10
CA PRO A 183 -5.39 12.92 5.56
C PRO A 183 -5.34 12.81 4.04
N LEU A 184 -5.36 13.93 3.31
CA LEU A 184 -5.16 13.92 1.87
C LEU A 184 -3.79 14.45 1.48
N VAL A 185 -2.89 14.65 2.44
CA VAL A 185 -1.54 15.13 2.17
C VAL A 185 -0.55 14.03 2.52
N PHE A 186 0.28 13.67 1.54
CA PHE A 186 1.36 12.70 1.75
C PHE A 186 2.61 13.44 2.22
N ASP A 187 2.95 13.32 3.49
CA ASP A 187 4.14 13.95 4.07
C ASP A 187 4.63 13.05 5.18
N ASN A 188 5.59 13.53 5.99
CA ASN A 188 6.15 12.77 7.10
C ASN A 188 5.44 13.00 8.42
N SER A 189 4.22 13.54 8.38
CA SER A 189 3.54 13.92 9.62
C SER A 189 3.16 12.74 10.49
N TYR A 190 2.96 11.55 9.92
CA TYR A 190 2.63 10.41 10.77
C TYR A 190 3.70 10.20 11.85
N PHE A 191 4.96 10.28 11.47
CA PHE A 191 6.05 10.06 12.43
C PHE A 191 6.08 11.16 13.47
N LYS A 192 5.80 12.39 13.08
CA LYS A 192 5.76 13.48 14.04
C LYS A 192 4.64 13.25 15.06
N GLU A 193 3.47 12.81 14.59
CA GLU A 193 2.37 12.55 15.53
C GLU A 193 2.71 11.40 16.46
N LEU A 194 3.38 10.37 15.97
CA LEU A 194 3.80 9.29 16.85
C LEU A 194 4.71 9.81 17.95
N LEU A 195 5.72 10.59 17.59
CA LEU A 195 6.67 11.05 18.58
C LEU A 195 6.04 11.96 19.62
N SER A 196 4.99 12.71 19.27
CA SER A 196 4.40 13.63 20.22
C SER A 196 3.43 12.95 21.17
N GLY A 197 3.17 11.67 21.01
CA GLY A 197 2.19 10.99 21.85
C GLY A 197 0.79 11.15 21.31
N ASP A 198 -0.16 10.55 22.03
CA ASP A 198 -1.55 10.63 21.62
C ASP A 198 -2.07 12.06 21.80
N LYS A 199 -3.03 12.44 20.95
CA LYS A 199 -3.69 13.71 21.16
C LYS A 199 -5.11 13.67 20.64
N GLU A 200 -5.95 14.51 21.24
CA GLU A 200 -7.36 14.55 20.89
C GLU A 200 -7.54 14.78 19.41
N GLY A 201 -8.41 13.98 18.80
CA GLY A 201 -8.73 14.13 17.42
C GLY A 201 -7.93 13.28 16.46
N LEU A 202 -6.90 12.59 16.95
CA LEU A 202 -6.06 11.73 16.11
C LEU A 202 -5.98 10.34 16.74
N LEU A 203 -5.67 9.36 15.91
CA LEU A 203 -5.61 7.97 16.28
C LEU A 203 -4.19 7.43 16.10
N GLN A 204 -3.82 6.50 16.99
CA GLN A 204 -2.65 5.64 16.82
C GLN A 204 -3.06 4.21 17.13
N LEU A 205 -2.67 3.28 16.27
CA LEU A 205 -2.89 1.86 16.51
C LEU A 205 -1.76 1.27 17.35
N PRO A 206 -2.00 0.14 18.02
CA PRO A 206 -0.88 -0.54 18.70
C PRO A 206 0.28 -0.83 17.76
N SER A 207 0.00 -1.20 16.52
CA SER A 207 1.06 -1.48 15.57
C SER A 207 1.87 -0.24 15.23
N ASP A 208 1.25 0.94 15.25
CA ASP A 208 2.01 2.18 15.08
C ASP A 208 2.91 2.41 16.29
N LYS A 209 2.36 2.23 17.50
CA LYS A 209 3.11 2.44 18.72
C LYS A 209 4.28 1.48 18.85
N ALA A 210 4.19 0.31 18.24
CA ALA A 210 5.30 -0.64 18.27
C ALA A 210 6.55 -0.09 17.61
N LEU A 211 6.40 0.87 16.70
CA LEU A 211 7.56 1.48 16.07
C LEU A 211 8.35 2.33 17.06
N LEU A 212 7.69 2.85 18.09
CA LEU A 212 8.34 3.74 19.03
C LEU A 212 9.16 2.99 20.06
N SER A 213 8.73 1.79 20.41
CA SER A 213 9.33 1.04 21.51
C SER A 213 10.40 0.06 21.03
N ASP A 214 10.46 -0.22 19.76
CA ASP A 214 11.42 -1.19 19.26
C ASP A 214 12.75 -0.50 19.00
N PRO A 215 13.88 -1.07 19.45
CA PRO A 215 15.17 -0.34 19.34
C PRO A 215 15.70 -0.21 17.91
N ALA A 216 15.24 -1.03 16.98
CA ALA A 216 15.63 -0.84 15.58
C ALA A 216 14.64 0.05 14.83
N PHE A 217 13.34 -0.02 15.14
CA PHE A 217 12.39 0.81 14.43
C PHE A 217 12.48 2.28 14.88
N ARG A 218 12.75 2.52 16.16
CA ARG A 218 12.66 3.88 16.69
C ARG A 218 13.63 4.83 16.00
N PRO A 219 14.89 4.49 15.74
CA PRO A 219 15.76 5.47 15.06
C PRO A 219 15.23 5.85 13.69
N LEU A 220 14.53 4.94 13.01
CA LEU A 220 13.93 5.27 11.71
C LEU A 220 12.76 6.23 11.87
N VAL A 221 11.92 6.02 12.89
CA VAL A 221 10.86 6.98 13.18
C VAL A 221 11.46 8.35 13.41
N ASP A 222 12.52 8.42 14.21
CA ASP A 222 13.17 9.70 14.49
C ASP A 222 13.69 10.35 13.21
N LYS A 223 14.30 9.54 12.34
CA LYS A 223 14.87 10.08 11.11
C LYS A 223 13.77 10.63 10.21
N TYR A 224 12.69 9.86 10.03
CA TYR A 224 11.63 10.28 9.12
C TYR A 224 10.86 11.48 9.66
N ALA A 225 10.70 11.56 10.99
CA ALA A 225 10.04 12.72 11.56
C ALA A 225 10.85 13.99 11.32
N ALA A 226 12.16 13.87 11.26
CA ALA A 226 13.04 15.03 11.08
C ALA A 226 13.33 15.36 9.62
N ASP A 227 13.28 14.36 8.72
CA ASP A 227 13.82 14.51 7.37
C ASP A 227 12.85 13.91 6.36
N GLU A 228 11.98 14.77 5.81
CA GLU A 228 11.00 14.28 4.85
C GLU A 228 11.64 13.74 3.59
N LYS A 229 12.78 14.30 3.17
CA LYS A 229 13.45 13.78 1.99
C LYS A 229 13.90 12.34 2.21
N ALA A 230 14.50 12.07 3.36
CA ALA A 230 14.92 10.71 3.67
C ALA A 230 13.71 9.78 3.71
N PHE A 231 12.61 10.24 4.30
CA PHE A 231 11.38 9.45 4.31
C PHE A 231 10.91 9.16 2.89
N PHE A 232 10.85 10.17 2.03
CA PHE A 232 10.35 9.94 0.67
C PHE A 232 11.22 8.96 -0.08
N GLU A 233 12.54 9.05 0.11
CA GLU A 233 13.43 8.12 -0.58
C GLU A 233 13.20 6.69 -0.12
N ASP A 234 13.13 6.48 1.19
CA ASP A 234 12.97 5.13 1.72
C ASP A 234 11.57 4.60 1.42
N TYR A 235 10.56 5.47 1.50
CA TYR A 235 9.19 5.08 1.15
C TYR A 235 9.11 4.64 -0.31
N LYS A 236 9.70 5.41 -1.21
CA LYS A 236 9.67 5.07 -2.62
C LYS A 236 10.27 3.69 -2.85
N GLU A 237 11.41 3.41 -2.24
CA GLU A 237 12.05 2.11 -2.42
C GLU A 237 11.18 0.99 -1.86
N ALA A 238 10.60 1.19 -0.68
CA ALA A 238 9.77 0.18 -0.05
C ALA A 238 8.48 -0.06 -0.81
N HIS A 239 7.80 1.01 -1.24
CA HIS A 239 6.57 0.83 -2.01
C HIS A 239 6.86 0.12 -3.33
N LEU A 240 7.96 0.48 -4.00
CA LEU A 240 8.30 -0.24 -5.23
C LEU A 240 8.42 -1.73 -4.96
N LYS A 241 9.18 -2.09 -3.91
CA LYS A 241 9.35 -3.51 -3.59
C LYS A 241 8.01 -4.18 -3.28
N LEU A 242 7.20 -3.53 -2.44
CA LEU A 242 5.90 -4.07 -2.08
C LEU A 242 5.05 -4.34 -3.32
N SER A 243 5.03 -3.38 -4.24
CA SER A 243 4.18 -3.47 -5.42
C SER A 243 4.63 -4.56 -6.39
N GLU A 244 5.82 -5.10 -6.18
CA GLU A 244 6.40 -6.09 -7.07
C GLU A 244 6.69 -7.42 -6.38
N LEU A 245 6.14 -7.66 -5.19
CA LEU A 245 6.42 -8.92 -4.51
C LEU A 245 5.97 -10.09 -5.37
N GLY A 246 6.88 -11.04 -5.57
CA GLY A 246 6.58 -12.21 -6.37
C GLY A 246 6.56 -11.99 -7.86
N PHE A 247 6.80 -10.75 -8.30
CA PHE A 247 6.69 -10.35 -9.70
C PHE A 247 8.07 -10.05 -10.27
N ALA A 248 8.38 -10.65 -11.40
CA ALA A 248 9.60 -10.31 -12.14
C ALA A 248 10.86 -10.62 -11.34
N ASP A 249 10.81 -11.63 -10.48
CA ASP A 249 12.01 -11.98 -9.72
C ASP A 249 13.01 -12.67 -10.64
N ALA A 250 14.27 -12.25 -10.55
CA ALA A 250 15.35 -12.87 -11.32
C ALA A 250 15.67 -14.25 -10.76
CHA HEM B . -5.97 1.97 6.84
CHB HEM B . -3.80 -1.27 9.68
CHC HEM B . 0.17 -0.90 6.99
CHD HEM B . -2.00 2.28 4.12
C1A HEM B . -5.75 1.01 7.77
C2A HEM B . -6.72 0.58 8.76
C3A HEM B . -6.12 -0.31 9.57
C4A HEM B . -4.75 -0.45 9.12
CMA HEM B . -6.72 -1.02 10.80
CAA HEM B . -8.16 1.10 8.83
CBA HEM B . -9.06 0.55 7.71
CGA HEM B . -10.42 1.21 7.82
O1A HEM B . -10.86 1.90 6.87
O2A HEM B . -11.05 1.09 8.92
C1B HEM B . -2.50 -1.40 9.24
C2B HEM B . -1.45 -2.13 9.89
C3B HEM B . -0.32 -2.00 9.19
C4B HEM B . -0.66 -1.19 8.02
CMB HEM B . -1.65 -2.86 11.24
CAB HEM B . 1.06 -2.55 9.56
CBB HEM B . 2.17 -1.80 9.38
C1C HEM B . -0.11 -0.12 5.90
C2C HEM B . 0.74 0.08 4.75
C3C HEM B . 0.14 0.97 3.96
C4C HEM B . -1.11 1.34 4.59
CMC HEM B . 2.05 -0.67 4.52
CAC HEM B . 0.60 1.54 2.62
CBC HEM B . 1.88 1.83 2.36
C1D HEM B . -3.22 2.60 4.68
C2D HEM B . -4.10 3.69 4.31
C3D HEM B . -5.21 3.61 5.06
C4D HEM B . -5.06 2.44 5.92
CMD HEM B . -3.75 4.73 3.25
CAD HEM B . -6.42 4.58 5.07
CBD HEM B . -7.57 4.10 4.20
CGD HEM B . -8.74 5.03 4.08
O1D HEM B . -8.68 6.17 4.62
O2D HEM B . -9.75 4.61 3.41
NA HEM B . -4.56 0.35 8.01
NB HEM B . -1.99 -0.84 8.09
NC HEM B . -1.23 0.65 5.76
ND HEM B . -3.83 1.87 5.68
FE HEM B . -2.82 0.72 7.06
HHB HEM B . -4.07 -1.82 10.45
HHC HEM B . 1.07 -1.29 7.02
HHD HEM B . -1.75 2.78 3.31
HMA HEM B . -6.04 -1.62 11.18
HMAA HEM B . -7.50 -1.54 10.52
HMAB HEM B . -6.98 -0.36 11.47
HAA HEM B . -8.14 2.07 8.76
HAAA HEM B . -8.54 0.85 9.69
HBA HEM B . -9.16 -0.41 7.82
HBAA HEM B . -8.68 0.75 6.85
HMB HEM B . -1.91 -2.22 11.92
HMBA HEM B . -0.82 -3.30 11.49
HMBB HEM B . -2.35 -3.53 11.13
HAB HEM B . 1.14 -3.44 9.92
HBB HEM B . 3.05 -2.16 9.61
HBBA HEM B . 2.10 -0.91 9.02
HMC HEM B . 2.50 -0.31 3.74
HMCA HEM B . 1.87 -1.61 4.39
HMCB HEM B . 2.62 -0.56 5.30
HAC HEM B . -0.05 1.69 1.93
HBC HEM B . 2.13 2.19 1.50
HBCA HEM B . 2.56 1.69 3.04
HMD HEM B . -4.52 5.34 3.11
HMDA HEM B . -2.97 5.26 3.54
HMDB HEM B . -3.54 4.29 2.40
HAD HEM B . -6.13 5.44 4.73
HADA HEM B . -6.74 4.66 5.98
HBD HEM B . -7.90 3.27 4.57
HBDA HEM B . -7.22 3.93 3.32
HHA HEM B . -6.88 2.35 6.80
C1 ASC C . -11.33 7.25 0.85
C2 ASC C . -12.28 6.49 1.60
C3 ASC C . -13.52 6.60 1.00
C4 ASC C . -13.51 7.54 -0.11
C5 ASC C . -14.26 8.80 0.17
C6 ASC C . -14.04 9.81 -0.97
O1 ASC C . -10.17 7.42 1.00
O2 ASC C . -12.00 5.74 2.74
O3 ASC C . -14.69 6.01 1.48
O4 ASC C . -12.06 7.86 -0.27
O5 ASC C . -13.82 9.41 1.38
O6 ASC C . -14.39 9.24 -2.19
H4 ASC C . -13.92 7.12 -1.01
H5 ASC C . -15.31 8.53 0.27
H61 ASC C . -13.00 10.11 -1.00
H62 ASC C . -14.66 10.69 -0.80
HO2 ASC C . -11.07 5.68 2.85
HO3 ASC C . -15.16 5.65 0.75
HO5 ASC C . -14.03 10.31 1.36
HO6 ASC C . -13.76 8.57 -2.43
C1 ASC D . -6.29 -7.60 9.27
C2 ASC D . -7.30 -6.85 9.97
C3 ASC D . -7.21 -5.50 9.63
C4 ASC D . -6.23 -5.28 8.57
C5 ASC D . -5.11 -4.45 9.05
C6 ASC D . -3.88 -4.62 8.12
O1 ASC D . -5.99 -8.73 9.41
O2 ASC D . -8.50 -7.46 10.36
O3 ASC D . -8.24 -4.61 9.95
O4 ASC D . -5.65 -6.64 8.33
O5 ASC D . -4.77 -4.78 10.38
O6 ASC D . -3.85 -3.59 7.16
H4 ASC D . -6.67 -4.85 7.68
H5 ASC D . -5.42 -3.40 9.02
H61 ASC D . -3.94 -5.57 7.61
H62 ASC D . -2.97 -4.59 8.71
HO2 ASC D . -9.05 -7.58 9.60
HO3 ASC D . -7.98 -3.73 9.70
HO5 ASC D . -4.26 -5.58 10.40
HO6 ASC D . -2.95 -3.37 6.95
C1 GOL E . -3.60 -4.11 7.51
O1 GOL E . -3.99 -2.97 6.73
C2 GOL E . -4.89 -4.92 7.88
O2 GOL E . -4.57 -6.24 8.18
C3 GOL E . -5.50 -4.18 9.07
O3 GOL E . -6.66 -4.88 9.47
H11 GOL E . -3.14 -3.86 8.33
H12 GOL E . -2.99 -4.70 7.04
HO1 GOL E . -4.74 -2.72 7.03
H2 GOL E . -5.51 -4.93 7.14
HO2 GOL E . -4.24 -6.59 7.51
H31 GOL E . -5.67 -3.26 8.82
H32 GOL E . -4.83 -4.13 9.78
HO3 GOL E . -6.72 -5.56 8.94
C1 ASC F . -22.66 -2.93 -3.19
C2 ASC F . -23.02 -4.34 -3.26
C3 ASC F . -22.83 -4.90 -2.01
C4 ASC F . -22.80 -3.86 -0.98
C5 ASC F . -21.71 -4.08 -0.02
C6 ASC F . -21.76 -2.98 1.06
O1 ASC F . -22.55 -2.18 -4.09
O2 ASC F . -22.84 -5.08 -4.43
O3 ASC F . -23.17 -6.24 -1.75
O4 ASC F . -22.46 -2.62 -1.76
O5 ASC F . -20.47 -4.05 -0.70
O6 ASC F . -20.71 -3.17 1.96
H4 ASC F . -23.74 -3.77 -0.45
H5 ASC F . -21.81 -5.05 0.46
H61 ASC F . -22.71 -3.03 1.57
H62 ASC F . -21.66 -2.01 0.58
HO2 ASC F . -23.48 -5.76 -4.47
HO3 ASC F . -24.08 -6.36 -1.88
HO5 ASC F . -20.10 -4.92 -0.71
HO6 ASC F . -20.33 -2.34 2.20
C1 ASC G . 2.17 -0.35 22.41
C2 ASC G . 3.60 -0.45 22.34
C3 ASC G . 3.93 -1.62 21.68
C4 ASC G . 2.80 -2.12 20.91
C5 ASC G . 2.54 -3.53 21.23
C6 ASC G . 1.24 -3.95 20.52
O1 ASC G . 1.52 0.38 23.08
O2 ASC G . 4.45 0.17 23.26
O3 ASC G . 5.25 -1.96 21.36
O4 ASC G . 1.63 -1.33 21.44
O5 ASC G . 2.44 -3.71 22.63
O6 ASC G . 0.95 -5.27 20.84
H4 ASC G . 2.90 -1.97 19.84
H5 ASC G . 3.37 -4.14 20.87
H61 ASC G . 1.36 -3.85 19.45
H62 ASC G . 0.43 -3.31 20.86
HO2 ASC G . 5.19 0.55 22.81
HO3 ASC G . 5.80 -1.23 21.58
HO5 ASC G . 3.24 -4.09 22.95
HO6 ASC G . 0.04 -5.44 20.74
NA NA H . -1.34 13.40 5.95
#